data_8S6I
#
_entry.id   8S6I
#
_cell.length_a   58.093
_cell.length_b   58.093
_cell.length_c   104.261
_cell.angle_alpha   90.000
_cell.angle_beta   90.000
_cell.angle_gamma   120.000
#
_symmetry.space_group_name_H-M   'P 32'
#
loop_
_entity.id
_entity.type
_entity.pdbx_description
1 polymer 'Cyclin-dependent kinase-like 2'
2 non-polymer ~{N}-[6-[3-[(2-methylpropylsulfonylamino)methyl]phenyl]-1~{H}-indazol-3-yl]cyclopropanecarboxamide
3 non-polymer 1,2-ETHANEDIOL
4 non-polymer 'CHLORIDE ION'
5 water water
#
_entity_poly.entity_id   1
_entity_poly.type   'polypeptide(L)'
_entity_poly.pdbx_seq_one_letter_code
;MGHHHHHHSSGVDLGTENLYFQSMEKYENLGLVGEGSYGMVMKCRNKDTGRIVAIKKFLESDDDKMVKKIAMREIKLLKQ
LRHENLVNLLEVCKKKKRWYLVFEFVDHTILDDLELFPNGLDYQVVQKYLFQIINGIGFCHSHNIIHRDIKPENILVSQS
GVVKLCDFGFARTLAAPGEVYDDEVATRWYRAPELLVGDVKYGKAVDVWAIGCLVTEMFMGEPLFPGDSDIDQLYHIMMC
LGNLIPRHQELFNKNPVFAGVRLPEIKEREPLERRYPKLSEVVIDLAKKCLHIDPDKRPFCAELLHHDFFQMDGFAERFS
QELQLKVQKDA
;
_entity_poly.pdbx_strand_id   A
#
loop_
_chem_comp.id
_chem_comp.type
_chem_comp.name
_chem_comp.formula
A1H5G non-polymer ~{N}-[6-[3-[(2-methylpropylsulfonylamino)methyl]phenyl]-1~{H}-indazol-3-yl]cyclopropanecarboxamide 'C22 H26 N4 O3 S'
CL non-polymer 'CHLORIDE ION' 'Cl -1'
EDO non-polymer 1,2-ETHANEDIOL 'C2 H6 O2'
#
# COMPACT_ATOMS: atom_id res chain seq x y z
N GLU A 17 6.25 -24.10 18.29
CA GLU A 17 5.45 -24.70 17.22
C GLU A 17 6.31 -25.05 16.01
N ASN A 18 5.74 -24.83 14.82
CA ASN A 18 6.44 -25.06 13.56
C ASN A 18 7.20 -23.79 13.18
N LEU A 19 8.41 -23.66 13.71
CA LEU A 19 9.25 -22.49 13.47
C LEU A 19 10.69 -22.88 13.79
N TYR A 20 11.54 -22.94 12.78
CA TYR A 20 12.94 -23.29 12.95
C TYR A 20 13.81 -22.22 12.30
N PHE A 21 14.95 -21.95 12.94
CA PHE A 21 15.71 -20.74 12.67
C PHE A 21 16.91 -21.03 11.78
N GLN A 22 17.16 -20.14 10.83
CA GLN A 22 18.36 -20.22 10.03
C GLN A 22 19.42 -19.28 10.60
N SER A 23 20.59 -19.24 9.94
CA SER A 23 21.76 -18.56 10.45
C SER A 23 21.96 -17.22 9.75
N MET A 24 22.39 -16.22 10.53
CA MET A 24 22.77 -14.93 9.97
C MET A 24 24.18 -14.94 9.37
N GLU A 25 24.95 -16.01 9.55
CA GLU A 25 26.35 -16.00 9.12
C GLU A 25 26.48 -15.99 7.61
N LYS A 26 25.48 -16.50 6.87
CA LYS A 26 25.57 -16.53 5.42
C LYS A 26 25.30 -15.19 4.77
N TYR A 27 24.83 -14.20 5.51
CA TYR A 27 24.43 -12.91 4.94
C TYR A 27 25.51 -11.87 5.13
N GLU A 28 25.70 -11.05 4.09
CA GLU A 28 26.60 -9.90 4.12
C GLU A 28 25.74 -8.66 3.99
N ASN A 29 25.86 -7.75 4.96
CA ASN A 29 25.02 -6.55 5.01
C ASN A 29 25.60 -5.51 4.07
N LEU A 30 24.86 -5.21 3.01
CA LEU A 30 25.26 -4.26 1.97
C LEU A 30 24.83 -2.83 2.28
N GLY A 31 24.06 -2.62 3.33
CA GLY A 31 23.49 -1.32 3.64
C GLY A 31 21.98 -1.40 3.78
N LEU A 32 21.43 -0.28 4.25
CA LEU A 32 19.98 -0.20 4.44
C LEU A 32 19.28 -0.04 3.11
N VAL A 33 18.08 -0.61 3.01
CA VAL A 33 17.31 -0.50 1.78
C VAL A 33 16.70 0.89 1.70
N GLY A 34 16.57 1.40 0.48
CA GLY A 34 15.91 2.67 0.23
C GLY A 34 16.50 3.84 1.00
N GLU A 35 17.82 3.84 1.20
CA GLU A 35 18.52 4.90 1.92
C GLU A 35 17.93 5.11 3.32
N GLY A 36 17.45 4.03 3.93
CA GLY A 36 16.91 4.09 5.28
C GLY A 36 15.48 4.51 5.40
N SER A 37 14.77 4.67 4.27
CA SER A 37 13.38 5.12 4.32
C SER A 37 12.52 4.18 5.17
N TYR A 38 12.58 2.88 4.88
CA TYR A 38 11.74 1.91 5.56
C TYR A 38 12.31 1.48 6.91
N GLY A 39 13.30 2.20 7.42
CA GLY A 39 13.86 1.91 8.73
C GLY A 39 15.08 1.02 8.66
N MET A 40 15.30 0.22 9.71
CA MET A 40 16.46 -0.67 9.77
C MET A 40 16.11 -1.99 9.07
N VAL A 41 15.99 -1.89 7.75
CA VAL A 41 15.83 -3.03 6.85
C VAL A 41 17.11 -3.10 6.01
N MET A 42 17.84 -4.21 6.15
CA MET A 42 19.18 -4.35 5.59
C MET A 42 19.13 -5.08 4.26
N LYS A 43 19.69 -4.46 3.21
CA LYS A 43 19.91 -5.17 1.96
C LYS A 43 21.07 -6.14 2.13
N CYS A 44 20.79 -7.44 2.00
CA CYS A 44 21.78 -8.47 2.31
C CYS A 44 21.96 -9.44 1.15
N ARG A 45 23.19 -9.89 0.94
CA ARG A 45 23.49 -10.94 -0.02
C ARG A 45 23.69 -12.26 0.69
N ASN A 46 22.98 -13.29 0.23
CA ASN A 46 23.18 -14.64 0.75
C ASN A 46 24.45 -15.17 0.11
N LYS A 47 25.51 -15.28 0.90
CA LYS A 47 26.81 -15.66 0.34
C LYS A 47 26.86 -17.10 -0.15
N ASP A 48 25.85 -17.92 0.20
CA ASP A 48 25.75 -19.29 -0.30
C ASP A 48 25.07 -19.38 -1.66
N THR A 49 24.03 -18.56 -1.91
CA THR A 49 23.25 -18.68 -3.13
C THR A 49 23.28 -17.44 -4.00
N GLY A 50 23.94 -16.36 -3.58
CA GLY A 50 23.96 -15.12 -4.34
C GLY A 50 22.66 -14.34 -4.30
N ARG A 51 21.60 -14.90 -3.74
CA ARG A 51 20.31 -14.22 -3.69
C ARG A 51 20.42 -12.95 -2.82
N ILE A 52 19.75 -11.89 -3.26
CA ILE A 52 19.68 -10.64 -2.51
C ILE A 52 18.36 -10.60 -1.75
N VAL A 53 18.41 -10.23 -0.47
CA VAL A 53 17.25 -10.28 0.41
C VAL A 53 17.19 -8.99 1.24
N ALA A 54 16.06 -8.83 1.94
CA ALA A 54 15.81 -7.69 2.80
C ALA A 54 15.57 -8.22 4.21
N ILE A 55 16.42 -7.85 5.16
CA ILE A 55 16.41 -8.43 6.50
C ILE A 55 16.09 -7.35 7.52
N LYS A 56 15.08 -7.61 8.35
CA LYS A 56 14.61 -6.68 9.37
C LYS A 56 14.77 -7.32 10.75
N LYS A 57 15.39 -6.59 11.68
CA LYS A 57 15.46 -7.09 13.04
C LYS A 57 14.04 -7.17 13.61
N PHE A 58 13.71 -8.30 14.21
CA PHE A 58 12.33 -8.60 14.58
C PHE A 58 12.12 -8.72 16.09
N LEU A 59 13.10 -9.24 16.81
CA LEU A 59 13.00 -9.45 18.25
C LEU A 59 14.33 -9.08 18.87
N GLU A 60 14.29 -8.28 19.94
CA GLU A 60 15.51 -7.91 20.64
C GLU A 60 16.02 -9.03 21.54
N SER A 61 15.12 -9.81 22.12
CA SER A 61 15.52 -10.93 22.96
C SER A 61 14.36 -11.91 23.07
N ASP A 62 14.60 -13.17 22.74
CA ASP A 62 13.58 -14.18 22.95
C ASP A 62 13.58 -14.67 24.39
N ASP A 63 14.29 -13.98 25.27
CA ASP A 63 14.27 -14.32 26.70
C ASP A 63 12.91 -14.04 27.32
N ASP A 64 12.22 -13.01 26.85
CA ASP A 64 10.90 -12.66 27.34
C ASP A 64 9.87 -13.60 26.72
N LYS A 65 9.31 -14.51 27.53
CA LYS A 65 8.38 -15.49 26.99
C LYS A 65 7.13 -14.85 26.41
N MET A 66 6.69 -13.73 26.97
CA MET A 66 5.49 -13.07 26.46
C MET A 66 5.76 -12.43 25.10
N VAL A 67 6.84 -11.65 24.99
CA VAL A 67 7.21 -11.08 23.71
C VAL A 67 7.45 -12.19 22.70
N LYS A 68 8.01 -13.31 23.14
CA LYS A 68 8.20 -14.47 22.28
C LYS A 68 6.86 -15.00 21.77
N LYS A 69 5.86 -15.12 22.65
CA LYS A 69 4.54 -15.60 22.24
C LYS A 69 3.97 -14.72 21.13
N ILE A 70 3.95 -13.40 21.35
CA ILE A 70 3.42 -12.47 20.37
C ILE A 70 4.17 -12.59 19.06
N ALA A 71 5.50 -12.71 19.13
CA ALA A 71 6.32 -12.77 17.92
C ALA A 71 5.96 -13.98 17.07
N MET A 72 5.66 -15.12 17.71
CA MET A 72 5.37 -16.31 16.92
C MET A 72 3.98 -16.24 16.29
N ARG A 73 3.04 -15.56 16.94
CA ARG A 73 1.75 -15.29 16.30
C ARG A 73 1.94 -14.51 15.01
N GLU A 74 2.83 -13.52 15.03
CA GLU A 74 3.05 -12.68 13.86
C GLU A 74 3.72 -13.46 12.75
N ILE A 75 4.70 -14.30 13.11
CA ILE A 75 5.36 -15.13 12.12
C ILE A 75 4.35 -16.09 11.50
N LYS A 76 3.48 -16.68 12.33
CA LYS A 76 2.42 -17.54 11.81
C LYS A 76 1.56 -16.81 10.78
N LEU A 77 1.19 -15.56 11.07
CA LEU A 77 0.37 -14.79 10.14
C LEU A 77 1.16 -14.43 8.88
N LEU A 78 2.44 -14.08 9.02
CA LEU A 78 3.23 -13.72 7.85
C LEU A 78 3.34 -14.90 6.88
N LYS A 79 3.41 -16.12 7.42
CA LYS A 79 3.48 -17.31 6.57
C LYS A 79 2.16 -17.53 5.84
N GLN A 80 1.04 -17.19 6.47
CA GLN A 80 -0.25 -17.32 5.80
C GLN A 80 -0.44 -16.29 4.70
N LEU A 81 0.33 -15.19 4.73
CA LEU A 81 0.18 -14.10 3.77
C LEU A 81 1.09 -14.25 2.56
N ARG A 82 1.39 -15.47 2.13
CA ARG A 82 2.23 -15.68 0.96
C ARG A 82 1.41 -15.45 -0.31
N HIS A 83 1.89 -14.56 -1.17
CA HIS A 83 1.11 -14.15 -2.34
C HIS A 83 2.03 -13.54 -3.39
N GLU A 84 1.66 -13.72 -4.66
CA GLU A 84 2.55 -13.30 -5.74
C GLU A 84 2.77 -11.79 -5.76
N ASN A 85 1.85 -10.99 -5.23
CA ASN A 85 1.96 -9.55 -5.26
C ASN A 85 2.29 -8.94 -3.90
N LEU A 86 2.86 -9.75 -3.00
CA LEU A 86 3.36 -9.29 -1.72
C LEU A 86 4.83 -9.65 -1.59
N VAL A 87 5.60 -8.80 -0.92
CA VAL A 87 6.94 -9.21 -0.51
CA VAL A 87 6.94 -9.24 -0.54
C VAL A 87 6.78 -10.34 0.50
N ASN A 88 7.41 -11.47 0.24
CA ASN A 88 7.15 -12.63 1.06
C ASN A 88 8.28 -12.90 2.04
N LEU A 89 7.90 -13.47 3.18
CA LEU A 89 8.84 -13.95 4.17
C LEU A 89 9.52 -15.21 3.65
N LEU A 90 10.86 -15.20 3.65
CA LEU A 90 11.65 -16.32 3.16
C LEU A 90 12.12 -17.21 4.30
N GLU A 91 12.57 -16.63 5.41
CA GLU A 91 13.02 -17.40 6.56
C GLU A 91 13.13 -16.48 7.77
N VAL A 92 13.32 -17.11 8.93
CA VAL A 92 13.60 -16.42 10.18
C VAL A 92 14.97 -16.87 10.64
N CYS A 93 15.84 -15.91 10.98
CA CYS A 93 17.11 -16.27 11.59
C CYS A 93 17.23 -15.75 13.01
N LYS A 94 18.10 -16.41 13.74
CA LYS A 94 18.35 -16.14 15.15
C LYS A 94 19.85 -15.95 15.30
N LYS A 95 20.25 -14.84 15.92
CA LYS A 95 21.64 -14.59 16.26
C LYS A 95 21.66 -14.15 17.72
N LYS A 96 22.38 -14.89 18.55
CA LYS A 96 22.28 -14.76 19.99
C LYS A 96 20.81 -14.86 20.39
N LYS A 97 20.27 -13.84 21.06
CA LYS A 97 18.87 -13.85 21.45
C LYS A 97 17.98 -13.05 20.51
N ARG A 98 18.53 -12.54 19.41
CA ARG A 98 17.78 -11.72 18.47
C ARG A 98 17.15 -12.59 17.40
N TRP A 99 16.00 -12.16 16.89
CA TRP A 99 15.38 -12.76 15.72
C TRP A 99 15.42 -11.75 14.57
N TYR A 100 15.63 -12.27 13.36
CA TYR A 100 15.62 -11.46 12.16
C TYR A 100 14.69 -12.11 11.14
N LEU A 101 13.88 -11.30 10.47
CA LEU A 101 13.01 -11.77 9.40
C LEU A 101 13.67 -11.49 8.06
N VAL A 102 13.69 -12.48 7.18
CA VAL A 102 14.27 -12.35 5.86
C VAL A 102 13.14 -12.31 4.85
N PHE A 103 13.04 -11.21 4.10
CA PHE A 103 12.03 -11.04 3.07
C PHE A 103 12.69 -10.94 1.70
N GLU A 104 11.87 -11.02 0.65
CA GLU A 104 12.42 -10.82 -0.67
C GLU A 104 12.91 -9.39 -0.84
N PHE A 105 13.93 -9.22 -1.66
CA PHE A 105 14.39 -7.91 -2.11
C PHE A 105 13.93 -7.68 -3.54
N VAL A 106 13.32 -6.52 -3.79
CA VAL A 106 12.86 -6.09 -5.11
C VAL A 106 13.55 -4.79 -5.47
N ASP A 107 14.01 -4.68 -6.71
CA ASP A 107 14.96 -3.63 -7.06
C ASP A 107 14.29 -2.27 -7.17
N HIS A 108 13.16 -2.19 -7.87
CA HIS A 108 12.55 -0.93 -8.24
C HIS A 108 11.24 -0.74 -7.50
N THR A 109 10.77 0.50 -7.50
CA THR A 109 9.42 0.85 -7.11
C THR A 109 8.71 1.48 -8.30
N ILE A 110 7.43 1.74 -8.12
CA ILE A 110 6.66 2.40 -9.16
C ILE A 110 7.13 3.85 -9.35
N LEU A 111 7.86 4.39 -8.37
CA LEU A 111 8.43 5.73 -8.51
C LEU A 111 9.37 5.80 -9.71
N ASP A 112 10.20 4.77 -9.89
CA ASP A 112 11.13 4.74 -11.02
C ASP A 112 10.39 4.90 -12.35
N ASP A 113 9.23 4.27 -12.48
CA ASP A 113 8.45 4.41 -13.71
C ASP A 113 7.83 5.79 -13.81
N LEU A 114 7.30 6.31 -12.69
CA LEU A 114 6.73 7.65 -12.69
C LEU A 114 7.79 8.70 -13.02
N GLU A 115 9.04 8.45 -12.64
CA GLU A 115 10.13 9.37 -12.97
C GLU A 115 10.50 9.29 -14.45
N LEU A 116 10.39 8.11 -15.07
CA LEU A 116 10.65 7.99 -16.49
C LEU A 116 9.53 8.60 -17.33
N PHE A 117 8.29 8.57 -16.83
CA PHE A 117 7.13 9.02 -17.58
C PHE A 117 6.41 10.11 -16.77
N PRO A 118 7.03 11.28 -16.60
CA PRO A 118 6.45 12.31 -15.75
C PRO A 118 5.15 12.90 -16.29
N ASN A 119 4.76 12.59 -17.52
CA ASN A 119 3.51 13.05 -18.09
C ASN A 119 2.48 11.93 -18.19
N GLY A 120 2.66 10.87 -17.42
CA GLY A 120 1.72 9.78 -17.35
C GLY A 120 2.27 8.51 -17.97
N LEU A 121 1.79 7.38 -17.47
CA LEU A 121 2.20 6.06 -17.91
C LEU A 121 1.31 5.58 -19.06
N ASP A 122 1.80 4.56 -19.76
CA ASP A 122 1.02 3.95 -20.83
C ASP A 122 -0.20 3.23 -20.26
N TYR A 123 -1.30 3.30 -21.01
CA TYR A 123 -2.58 2.77 -20.53
C TYR A 123 -2.48 1.33 -20.08
N GLN A 124 -1.92 0.45 -20.91
CA GLN A 124 -1.80 -0.95 -20.49
C GLN A 124 -0.90 -1.11 -19.29
N VAL A 125 0.16 -0.28 -19.20
CA VAL A 125 1.03 -0.34 -18.03
C VAL A 125 0.24 -0.04 -16.76
N VAL A 126 -0.66 0.95 -16.82
CA VAL A 126 -1.47 1.28 -15.65
C VAL A 126 -2.40 0.12 -15.32
N GLN A 127 -3.01 -0.50 -16.34
CA GLN A 127 -3.85 -1.67 -16.13
C GLN A 127 -3.11 -2.74 -15.36
N LYS A 128 -1.91 -3.10 -15.83
CA LYS A 128 -1.14 -4.16 -15.22
C LYS A 128 -0.75 -3.82 -13.79
N TYR A 129 -0.37 -2.57 -13.54
CA TYR A 129 0.03 -2.19 -12.19
C TYR A 129 -1.15 -2.20 -11.24
N LEU A 130 -2.26 -1.56 -11.64
CA LEU A 130 -3.43 -1.48 -10.76
C LEU A 130 -4.03 -2.86 -10.51
N PHE A 131 -4.11 -3.69 -11.55
CA PHE A 131 -4.59 -5.07 -11.38
C PHE A 131 -3.80 -5.77 -10.27
N GLN A 132 -2.48 -5.66 -10.32
CA GLN A 132 -1.65 -6.36 -9.35
C GLN A 132 -1.75 -5.73 -7.96
N ILE A 133 -1.81 -4.40 -7.89
CA ILE A 133 -1.94 -3.75 -6.58
C ILE A 133 -3.27 -4.15 -5.94
N ILE A 134 -4.34 -4.15 -6.73
CA ILE A 134 -5.64 -4.51 -6.19
C ILE A 134 -5.66 -5.99 -5.81
N ASN A 135 -5.02 -6.83 -6.62
CA ASN A 135 -4.90 -8.25 -6.31
C ASN A 135 -4.19 -8.45 -4.96
N GLY A 136 -3.06 -7.78 -4.78
CA GLY A 136 -2.32 -7.94 -3.54
C GLY A 136 -3.06 -7.40 -2.33
N ILE A 137 -3.65 -6.21 -2.46
CA ILE A 137 -4.37 -5.63 -1.33
C ILE A 137 -5.62 -6.46 -1.04
N GLY A 138 -6.32 -6.91 -2.07
CA GLY A 138 -7.49 -7.75 -1.86
C GLY A 138 -7.18 -9.02 -1.09
N PHE A 139 -6.04 -9.64 -1.40
CA PHE A 139 -5.61 -10.83 -0.68
C PHE A 139 -5.46 -10.54 0.81
N CYS A 140 -4.78 -9.44 1.16
CA CYS A 140 -4.59 -9.12 2.57
C CYS A 140 -5.93 -8.83 3.25
N HIS A 141 -6.82 -8.13 2.56
CA HIS A 141 -8.12 -7.83 3.12
C HIS A 141 -8.87 -9.11 3.45
N SER A 142 -8.75 -10.13 2.60
CA SER A 142 -9.38 -11.42 2.87
C SER A 142 -8.81 -12.08 4.12
N HIS A 143 -7.65 -11.61 4.60
CA HIS A 143 -7.12 -12.03 5.90
C HIS A 143 -7.34 -10.97 6.97
N ASN A 144 -8.26 -10.02 6.73
CA ASN A 144 -8.57 -8.96 7.69
CA ASN A 144 -8.57 -8.94 7.69
C ASN A 144 -7.32 -8.14 8.03
N ILE A 145 -6.48 -7.92 7.04
CA ILE A 145 -5.26 -7.12 7.17
C ILE A 145 -5.41 -5.88 6.29
N ILE A 146 -5.21 -4.71 6.89
CA ILE A 146 -5.25 -3.43 6.19
C ILE A 146 -3.83 -2.92 6.05
N HIS A 147 -3.47 -2.46 4.85
CA HIS A 147 -2.15 -1.88 4.66
C HIS A 147 -2.02 -0.56 5.40
N ARG A 148 -2.90 0.39 5.09
CA ARG A 148 -3.08 1.69 5.72
C ARG A 148 -2.04 2.73 5.30
N ASP A 149 -1.03 2.38 4.52
CA ASP A 149 -0.02 3.36 4.13
C ASP A 149 0.46 3.09 2.71
N ILE A 150 -0.48 2.78 1.83
CA ILE A 150 -0.17 2.63 0.41
C ILE A 150 0.36 3.95 -0.13
N LYS A 151 1.47 3.89 -0.86
CA LYS A 151 2.04 5.03 -1.56
C LYS A 151 3.02 4.49 -2.59
N PRO A 152 3.46 5.31 -3.55
CA PRO A 152 4.36 4.79 -4.58
C PRO A 152 5.59 4.08 -4.01
N GLU A 153 6.13 4.54 -2.87
CA GLU A 153 7.35 3.94 -2.33
C GLU A 153 7.14 2.50 -1.89
N ASN A 154 5.94 2.15 -1.45
CA ASN A 154 5.63 0.79 -0.99
C ASN A 154 5.21 -0.15 -2.09
N ILE A 155 5.09 0.33 -3.33
CA ILE A 155 4.72 -0.53 -4.45
C ILE A 155 6.03 -0.85 -5.17
N LEU A 156 6.59 -2.01 -4.85
CA LEU A 156 7.82 -2.42 -5.51
C LEU A 156 7.50 -3.11 -6.82
N VAL A 157 8.47 -3.13 -7.72
CA VAL A 157 8.28 -3.69 -9.05
C VAL A 157 9.52 -4.51 -9.37
N SER A 158 9.32 -5.78 -9.71
CA SER A 158 10.43 -6.64 -10.07
C SER A 158 10.92 -6.31 -11.47
N GLN A 159 12.06 -6.92 -11.84
CA GLN A 159 12.58 -6.74 -13.19
C GLN A 159 11.57 -7.20 -14.23
N SER A 160 10.74 -8.19 -13.89
CA SER A 160 9.73 -8.73 -14.78
C SER A 160 8.44 -7.94 -14.77
N GLY A 161 8.37 -6.84 -14.02
CA GLY A 161 7.14 -6.07 -13.96
C GLY A 161 6.11 -6.60 -12.99
N VAL A 162 6.50 -7.48 -12.09
CA VAL A 162 5.59 -8.03 -11.09
C VAL A 162 5.62 -7.12 -9.87
N VAL A 163 4.45 -6.68 -9.46
CA VAL A 163 4.31 -5.73 -8.35
C VAL A 163 4.42 -6.51 -7.04
N LYS A 164 5.13 -5.94 -6.07
CA LYS A 164 5.29 -6.55 -4.76
C LYS A 164 5.05 -5.48 -3.70
N LEU A 165 3.93 -5.57 -2.99
CA LEU A 165 3.59 -4.60 -1.96
C LEU A 165 4.33 -4.92 -0.68
N CYS A 166 4.66 -3.87 0.07
CA CYS A 166 5.56 -4.00 1.20
C CYS A 166 5.16 -3.02 2.29
N ASP A 167 5.61 -3.33 3.51
CA ASP A 167 5.43 -2.47 4.69
C ASP A 167 3.96 -2.30 5.08
N PHE A 168 3.24 -3.41 5.23
CA PHE A 168 1.87 -3.35 5.71
C PHE A 168 1.83 -2.97 7.19
N GLY A 169 0.71 -2.39 7.61
CA GLY A 169 0.51 -2.05 9.01
C GLY A 169 -0.24 -3.14 9.76
N PHE A 170 0.39 -3.70 10.78
CA PHE A 170 -0.20 -4.80 11.55
C PHE A 170 -0.68 -4.32 12.91
N ALA A 171 -1.89 -4.71 13.26
CA ALA A 171 -2.46 -4.42 14.57
C ALA A 171 -2.10 -5.55 15.54
N ARG A 172 -2.16 -5.23 16.83
CA ARG A 172 -1.85 -6.19 17.90
C ARG A 172 -0.43 -6.72 17.79
N THR A 173 0.52 -5.83 17.49
CA THR A 173 1.93 -6.19 17.33
C THR A 173 2.87 -5.37 18.22
N LEU A 174 2.37 -4.29 18.79
CA LEU A 174 3.16 -3.22 19.36
C LEU A 174 3.81 -3.58 20.69
N VAL A 185 5.40 14.67 9.17
CA VAL A 185 6.35 13.56 9.13
C VAL A 185 6.13 12.72 7.88
N ALA A 186 5.13 11.84 7.94
CA ALA A 186 4.82 10.94 6.84
C ALA A 186 3.90 11.62 5.83
N THR A 187 4.00 11.21 4.57
CA THR A 187 3.14 11.77 3.53
C THR A 187 1.68 11.43 3.81
N ARG A 188 0.82 12.44 3.62
CA ARG A 188 -0.61 12.28 3.81
C ARG A 188 -1.37 12.21 2.50
N TRP A 189 -0.67 12.21 1.36
CA TRP A 189 -1.31 12.43 0.05
C TRP A 189 -2.33 11.35 -0.27
N TYR A 190 -2.17 10.15 0.28
CA TYR A 190 -3.00 9.01 -0.07
C TYR A 190 -3.97 8.66 1.05
N ARG A 191 -4.05 9.49 2.09
CA ARG A 191 -4.86 9.18 3.27
C ARG A 191 -6.32 9.54 3.04
N ALA A 192 -7.20 8.62 3.43
CA ALA A 192 -8.63 8.82 3.28
C ALA A 192 -9.14 9.84 4.30
N PRO A 193 -10.30 10.46 4.05
CA PRO A 193 -10.82 11.44 5.02
C PRO A 193 -11.02 10.87 6.42
N GLU A 194 -11.41 9.59 6.54
CA GLU A 194 -11.57 8.99 7.86
C GLU A 194 -10.25 8.97 8.63
N LEU A 195 -9.13 8.78 7.94
CA LEU A 195 -7.84 8.80 8.63
C LEU A 195 -7.48 10.21 9.07
N LEU A 196 -7.75 11.20 8.22
CA LEU A 196 -7.37 12.59 8.49
C LEU A 196 -8.15 13.16 9.67
N VAL A 197 -9.44 12.83 9.79
CA VAL A 197 -10.24 13.36 10.89
C VAL A 197 -10.10 12.54 12.16
N GLY A 198 -9.33 11.45 12.13
CA GLY A 198 -9.07 10.69 13.34
C GLY A 198 -10.09 9.65 13.70
N ASP A 199 -10.79 9.09 12.71
CA ASP A 199 -11.84 8.10 12.95
C ASP A 199 -11.21 6.76 13.29
N VAL A 200 -11.40 6.28 14.52
CA VAL A 200 -10.82 4.99 14.90
C VAL A 200 -11.56 3.80 14.34
N LYS A 201 -12.68 4.02 13.64
CA LYS A 201 -13.45 2.96 13.03
C LYS A 201 -13.15 2.79 11.54
N TYR A 202 -12.02 3.32 11.08
CA TYR A 202 -11.59 3.12 9.71
C TYR A 202 -11.45 1.63 9.41
N GLY A 203 -11.59 1.30 8.13
CA GLY A 203 -11.48 -0.10 7.73
C GLY A 203 -10.70 -0.29 6.44
N LYS A 204 -10.91 -1.44 5.81
CA LYS A 204 -10.24 -1.76 4.55
C LYS A 204 -10.44 -0.69 3.49
N ALA A 205 -11.51 0.11 3.59
CA ALA A 205 -11.78 1.15 2.60
C ALA A 205 -10.69 2.20 2.50
N VAL A 206 -9.83 2.33 3.52
CA VAL A 206 -8.73 3.28 3.42
C VAL A 206 -7.77 2.88 2.30
N ASP A 207 -7.56 1.58 2.08
CA ASP A 207 -6.66 1.14 1.02
C ASP A 207 -7.28 1.40 -0.34
N VAL A 208 -8.59 1.23 -0.46
CA VAL A 208 -9.26 1.51 -1.72
C VAL A 208 -9.17 2.98 -2.06
N TRP A 209 -9.28 3.85 -1.05
CA TRP A 209 -9.07 5.28 -1.28
C TRP A 209 -7.67 5.53 -1.82
N ALA A 210 -6.66 4.91 -1.21
CA ALA A 210 -5.29 5.10 -1.68
C ALA A 210 -5.14 4.62 -3.12
N ILE A 211 -5.79 3.51 -3.48
CA ILE A 211 -5.72 3.01 -4.86
C ILE A 211 -6.34 4.01 -5.82
N GLY A 212 -7.46 4.64 -5.42
CA GLY A 212 -8.07 5.63 -6.28
C GLY A 212 -7.18 6.84 -6.49
N CYS A 213 -6.42 7.21 -5.45
CA CYS A 213 -5.45 8.29 -5.58
C CYS A 213 -4.39 7.94 -6.63
N LEU A 214 -4.01 6.67 -6.71
CA LEU A 214 -2.98 6.23 -7.64
C LEU A 214 -3.50 6.12 -9.09
N VAL A 215 -4.81 5.99 -9.28
CA VAL A 215 -5.34 5.87 -10.64
C VAL A 215 -5.01 7.12 -11.45
N THR A 216 -5.39 8.29 -10.92
CA THR A 216 -5.14 9.51 -11.68
C THR A 216 -3.64 9.83 -11.71
N GLU A 217 -2.92 9.52 -10.63
CA GLU A 217 -1.49 9.81 -10.59
C GLU A 217 -0.75 9.07 -11.69
N MET A 218 -1.04 7.77 -11.86
CA MET A 218 -0.34 7.00 -12.88
C MET A 218 -0.64 7.52 -14.27
N PHE A 219 -1.90 7.89 -14.52
CA PHE A 219 -2.28 8.34 -15.84
C PHE A 219 -1.81 9.75 -16.14
N MET A 220 -1.72 10.62 -15.13
CA MET A 220 -1.47 12.03 -15.36
C MET A 220 -0.09 12.51 -14.95
N GLY A 221 0.63 11.74 -14.14
CA GLY A 221 1.98 12.12 -13.78
C GLY A 221 2.10 13.14 -12.68
N GLU A 222 1.10 13.27 -11.82
CA GLU A 222 1.12 14.21 -10.71
C GLU A 222 0.24 13.66 -9.61
N PRO A 223 0.58 13.89 -8.34
CA PRO A 223 -0.29 13.41 -7.26
C PRO A 223 -1.64 14.09 -7.34
N LEU A 224 -2.67 13.35 -6.92
CA LEU A 224 -4.03 13.88 -6.96
C LEU A 224 -4.24 14.93 -5.88
N PHE A 225 -3.83 14.65 -4.64
CA PHE A 225 -4.11 15.49 -3.48
C PHE A 225 -2.82 15.70 -2.69
N PRO A 226 -1.93 16.59 -3.15
CA PRO A 226 -0.61 16.75 -2.50
C PRO A 226 -0.64 17.73 -1.33
N GLY A 227 -1.36 17.37 -0.27
CA GLY A 227 -1.45 18.25 0.88
C GLY A 227 -0.19 18.26 1.72
N ASP A 228 0.02 19.37 2.43
CA ASP A 228 1.22 19.55 3.24
C ASP A 228 0.94 19.58 4.74
N SER A 229 -0.30 19.27 5.13
CA SER A 229 -0.70 19.10 6.52
C SER A 229 -2.05 18.41 6.49
N ASP A 230 -2.50 17.92 7.65
CA ASP A 230 -3.78 17.22 7.68
C ASP A 230 -4.91 18.13 7.23
N ILE A 231 -4.92 19.38 7.69
CA ILE A 231 -5.99 20.30 7.28
C ILE A 231 -5.84 20.69 5.81
N ASP A 232 -4.61 20.88 5.34
CA ASP A 232 -4.40 21.19 3.92
C ASP A 232 -4.82 20.03 3.05
N GLN A 233 -4.48 18.80 3.46
CA GLN A 233 -4.91 17.60 2.77
C GLN A 233 -6.44 17.53 2.67
N LEU A 234 -7.13 17.89 3.75
CA LEU A 234 -8.59 17.90 3.72
C LEU A 234 -9.12 18.91 2.73
N TYR A 235 -8.47 20.08 2.64
CA TYR A 235 -8.88 21.07 1.66
C TYR A 235 -8.71 20.54 0.23
N HIS A 236 -7.57 19.92 -0.06
CA HIS A 236 -7.37 19.32 -1.38
C HIS A 236 -8.51 18.38 -1.73
N ILE A 237 -8.84 17.46 -0.80
CA ILE A 237 -9.86 16.45 -1.05
C ILE A 237 -11.23 17.09 -1.27
N MET A 238 -11.67 17.96 -0.37
CA MET A 238 -13.05 18.45 -0.46
C MET A 238 -13.27 19.43 -1.61
N MET A 239 -12.25 20.21 -1.99
CA MET A 239 -12.45 21.12 -3.12
C MET A 239 -12.68 20.37 -4.42
N CYS A 240 -12.23 19.11 -4.49
CA CYS A 240 -12.53 18.21 -5.59
C CYS A 240 -13.83 17.44 -5.36
N LEU A 241 -13.96 16.82 -4.19
CA LEU A 241 -14.95 15.77 -3.97
C LEU A 241 -16.14 16.22 -3.14
N GLY A 242 -16.13 17.43 -2.60
CA GLY A 242 -17.27 17.95 -1.88
C GLY A 242 -17.16 17.77 -0.37
N ASN A 243 -18.28 17.99 0.29
CA ASN A 243 -18.29 17.94 1.74
C ASN A 243 -18.17 16.51 2.26
N LEU A 244 -17.62 16.40 3.46
CA LEU A 244 -17.47 15.12 4.12
C LEU A 244 -18.82 14.61 4.62
N ILE A 245 -18.88 13.31 4.87
CA ILE A 245 -20.06 12.72 5.49
C ILE A 245 -20.23 13.31 6.87
N PRO A 246 -21.45 13.36 7.42
CA PRO A 246 -21.64 13.98 8.74
C PRO A 246 -20.74 13.43 9.83
N ARG A 247 -20.51 12.12 9.87
CA ARG A 247 -19.67 11.54 10.90
C ARG A 247 -18.28 12.18 10.93
N HIS A 248 -17.70 12.43 9.75
CA HIS A 248 -16.35 12.96 9.69
C HIS A 248 -16.29 14.44 10.04
N GLN A 249 -17.33 15.21 9.71
CA GLN A 249 -17.37 16.60 10.17
C GLN A 249 -17.44 16.68 11.69
N GLU A 250 -18.25 15.81 12.30
CA GLU A 250 -18.37 15.79 13.76
C GLU A 250 -17.05 15.39 14.40
N LEU A 251 -16.38 14.37 13.86
CA LEU A 251 -15.10 13.95 14.41
C LEU A 251 -14.07 15.06 14.27
N PHE A 252 -14.07 15.73 13.11
CA PHE A 252 -13.16 16.86 12.91
C PHE A 252 -13.40 17.93 13.96
N ASN A 253 -14.67 18.24 14.24
CA ASN A 253 -14.99 19.30 15.18
C ASN A 253 -14.56 18.94 16.60
N LYS A 254 -14.49 17.64 16.93
CA LYS A 254 -14.09 17.18 18.25
C LYS A 254 -12.59 16.93 18.37
N ASN A 255 -11.87 16.85 17.25
CA ASN A 255 -10.47 16.45 17.27
C ASN A 255 -9.61 17.62 17.73
N PRO A 256 -8.88 17.50 18.83
CA PRO A 256 -8.11 18.64 19.33
C PRO A 256 -6.94 19.02 18.45
N VAL A 257 -6.44 18.12 17.59
CA VAL A 257 -5.31 18.45 16.74
C VAL A 257 -5.65 19.57 15.75
N PHE A 258 -6.93 19.85 15.55
CA PHE A 258 -7.36 20.94 14.68
C PHE A 258 -7.66 22.23 15.45
N ALA A 259 -7.47 22.22 16.77
CA ALA A 259 -7.46 23.44 17.59
C ALA A 259 -8.73 24.27 17.42
N GLY A 260 -9.87 23.60 17.45
CA GLY A 260 -11.15 24.28 17.32
C GLY A 260 -11.43 24.89 15.97
N VAL A 261 -10.51 24.76 15.00
CA VAL A 261 -10.74 25.22 13.64
C VAL A 261 -11.82 24.36 12.98
N ARG A 262 -12.44 24.88 11.92
CA ARG A 262 -13.59 24.24 11.31
C ARG A 262 -13.36 24.02 9.81
N LEU A 263 -14.03 23.01 9.29
CA LEU A 263 -13.90 22.64 7.89
C LEU A 263 -14.50 23.70 6.98
N PRO A 264 -14.03 23.78 5.73
CA PRO A 264 -14.70 24.66 4.77
C PRO A 264 -15.95 24.02 4.21
N GLU A 265 -16.89 24.88 3.80
CA GLU A 265 -18.13 24.43 3.20
C GLU A 265 -17.99 24.51 1.70
N ILE A 266 -18.25 23.40 1.01
CA ILE A 266 -18.03 23.30 -0.42
C ILE A 266 -19.37 23.54 -1.11
N LYS A 267 -19.46 24.60 -1.90
CA LYS A 267 -20.68 24.90 -2.65
C LYS A 267 -20.58 24.55 -4.13
N GLU A 268 -19.37 24.34 -4.64
CA GLU A 268 -19.14 23.96 -6.04
C GLU A 268 -17.78 23.25 -6.12
N ARG A 269 -17.81 21.95 -5.95
CA ARG A 269 -16.58 21.17 -6.09
C ARG A 269 -16.10 21.20 -7.54
N GLU A 270 -14.82 20.88 -7.74
CA GLU A 270 -14.25 20.70 -9.07
C GLU A 270 -14.08 19.20 -9.32
N PRO A 271 -14.94 18.58 -10.11
CA PRO A 271 -14.89 17.12 -10.25
C PRO A 271 -13.66 16.66 -10.98
N LEU A 272 -13.36 15.36 -10.82
CA LEU A 272 -12.15 14.79 -11.41
C LEU A 272 -12.15 14.95 -12.92
N GLU A 273 -13.31 14.74 -13.56
CA GLU A 273 -13.35 14.82 -15.02
C GLU A 273 -13.22 16.25 -15.52
N ARG A 274 -13.46 17.23 -14.65
CA ARG A 274 -13.19 18.62 -15.02
C ARG A 274 -11.70 18.94 -14.92
N ARG A 275 -11.04 18.45 -13.87
CA ARG A 275 -9.59 18.63 -13.77
C ARG A 275 -8.86 17.89 -14.89
N TYR A 276 -9.36 16.71 -15.26
CA TYR A 276 -8.70 15.82 -16.22
C TYR A 276 -9.67 15.46 -17.33
N PRO A 277 -9.98 16.41 -18.22
CA PRO A 277 -11.05 16.17 -19.21
C PRO A 277 -10.68 15.18 -20.30
N LYS A 278 -9.39 14.85 -20.45
CA LYS A 278 -8.97 13.91 -21.48
C LYS A 278 -9.06 12.46 -21.03
N LEU A 279 -9.16 12.23 -19.73
CA LEU A 279 -9.19 10.87 -19.21
C LEU A 279 -10.46 10.17 -19.62
N SER A 280 -10.35 8.87 -19.93
CA SER A 280 -11.49 8.09 -20.38
C SER A 280 -12.58 8.02 -19.33
N GLU A 281 -13.83 7.85 -19.78
CA GLU A 281 -14.93 7.71 -18.83
C GLU A 281 -14.72 6.51 -17.92
N VAL A 282 -14.19 5.42 -18.48
CA VAL A 282 -13.99 4.20 -17.70
C VAL A 282 -13.01 4.46 -16.57
N VAL A 283 -11.95 5.23 -16.84
CA VAL A 283 -10.95 5.53 -15.82
C VAL A 283 -11.52 6.46 -14.76
N ILE A 284 -12.25 7.50 -15.18
CA ILE A 284 -12.82 8.42 -14.19
C ILE A 284 -13.83 7.68 -13.31
N ASP A 285 -14.57 6.74 -13.88
CA ASP A 285 -15.53 5.97 -13.10
C ASP A 285 -14.81 5.14 -12.03
N LEU A 286 -13.73 4.46 -12.43
CA LEU A 286 -12.94 3.69 -11.49
C LEU A 286 -12.44 4.56 -10.34
N ALA A 287 -11.86 5.72 -10.67
CA ALA A 287 -11.31 6.57 -9.64
C ALA A 287 -12.41 7.12 -8.73
N LYS A 288 -13.50 7.63 -9.31
CA LYS A 288 -14.60 8.15 -8.50
C LYS A 288 -15.14 7.12 -7.53
N LYS A 289 -15.23 5.86 -7.97
CA LYS A 289 -15.74 4.81 -7.09
C LYS A 289 -14.79 4.57 -5.92
N CYS A 290 -13.49 4.47 -6.19
CA CYS A 290 -12.52 4.29 -5.10
C CYS A 290 -12.46 5.50 -4.18
N LEU A 291 -12.84 6.68 -4.68
CA LEU A 291 -12.71 7.93 -3.95
C LEU A 291 -14.05 8.42 -3.41
N HIS A 292 -15.04 7.53 -3.31
CA HIS A 292 -16.30 7.91 -2.67
C HIS A 292 -16.04 8.53 -1.31
N ILE A 293 -16.71 9.65 -1.02
CA ILE A 293 -16.47 10.36 0.23
C ILE A 293 -16.89 9.51 1.43
N ASP A 294 -17.83 8.59 1.22
CA ASP A 294 -18.33 7.74 2.29
C ASP A 294 -17.61 6.40 2.20
N PRO A 295 -16.76 6.05 3.18
CA PRO A 295 -15.99 4.80 3.06
C PRO A 295 -16.85 3.57 2.83
N ASP A 296 -18.06 3.55 3.39
CA ASP A 296 -18.92 2.38 3.26
C ASP A 296 -19.46 2.21 1.85
N LYS A 297 -19.48 3.26 1.04
CA LYS A 297 -19.97 3.19 -0.33
C LYS A 297 -18.85 2.97 -1.34
N ARG A 298 -17.61 2.78 -0.88
CA ARG A 298 -16.52 2.40 -1.77
C ARG A 298 -16.60 0.91 -2.09
N PRO A 299 -16.17 0.51 -3.29
CA PRO A 299 -16.20 -0.91 -3.65
C PRO A 299 -15.14 -1.70 -2.89
N PHE A 300 -15.43 -2.99 -2.68
CA PHE A 300 -14.38 -3.87 -2.19
C PHE A 300 -13.35 -4.09 -3.28
N CYS A 301 -12.19 -4.61 -2.86
CA CYS A 301 -11.11 -4.87 -3.81
C CYS A 301 -11.54 -5.85 -4.90
N ALA A 302 -12.30 -6.88 -4.53
CA ALA A 302 -12.77 -7.86 -5.50
C ALA A 302 -13.71 -7.22 -6.52
N GLU A 303 -14.60 -6.34 -6.06
CA GLU A 303 -15.47 -5.64 -6.99
C GLU A 303 -14.66 -4.78 -7.96
N LEU A 304 -13.49 -4.30 -7.51
CA LEU A 304 -12.66 -3.47 -8.37
C LEU A 304 -12.11 -4.25 -9.55
N LEU A 305 -11.73 -5.51 -9.33
CA LEU A 305 -11.20 -6.30 -10.43
C LEU A 305 -12.25 -6.62 -11.48
N HIS A 306 -13.52 -6.60 -11.10
CA HIS A 306 -14.60 -6.83 -12.06
C HIS A 306 -14.99 -5.57 -12.80
N HIS A 307 -14.32 -4.45 -12.56
CA HIS A 307 -14.63 -3.19 -13.22
C HIS A 307 -14.34 -3.28 -14.71
N ASP A 308 -15.04 -2.45 -15.49
CA ASP A 308 -14.84 -2.41 -16.93
C ASP A 308 -13.42 -2.05 -17.32
N PHE A 309 -12.75 -1.22 -16.49
CA PHE A 309 -11.35 -0.90 -16.75
C PHE A 309 -10.50 -2.15 -16.93
N PHE A 310 -10.77 -3.20 -16.16
CA PHE A 310 -10.02 -4.44 -16.22
C PHE A 310 -10.66 -5.50 -17.10
N GLN A 311 -11.99 -5.47 -17.26
CA GLN A 311 -12.70 -6.51 -17.97
C GLN A 311 -12.83 -6.24 -19.46
N MET A 312 -12.70 -5.00 -19.91
CA MET A 312 -12.91 -4.70 -21.32
C MET A 312 -11.89 -5.43 -22.17
N ASP A 313 -12.36 -5.99 -23.28
CA ASP A 313 -11.52 -6.71 -24.23
C ASP A 313 -10.74 -7.84 -23.55
N GLY A 314 -11.32 -8.39 -22.48
CA GLY A 314 -10.73 -9.55 -21.83
C GLY A 314 -9.33 -9.33 -21.33
N PHE A 315 -9.01 -8.11 -20.90
CA PHE A 315 -7.67 -7.86 -20.39
C PHE A 315 -7.39 -8.71 -19.15
N ALA A 316 -8.39 -8.86 -18.28
CA ALA A 316 -8.17 -9.58 -17.04
C ALA A 316 -7.81 -11.04 -17.30
N GLU A 317 -8.63 -11.73 -18.10
CA GLU A 317 -8.33 -13.11 -18.49
C GLU A 317 -6.90 -13.21 -19.03
N ARG A 318 -6.61 -12.43 -20.06
CA ARG A 318 -5.31 -12.51 -20.73
C ARG A 318 -4.17 -12.23 -19.75
N PHE A 319 -4.28 -11.16 -18.97
CA PHE A 319 -3.21 -10.79 -18.07
C PHE A 319 -3.08 -11.78 -16.93
N SER A 320 -4.19 -12.33 -16.45
CA SER A 320 -4.13 -13.29 -15.35
C SER A 320 -3.28 -14.49 -15.73
N GLN A 321 -3.49 -15.04 -16.93
CA GLN A 321 -2.61 -16.10 -17.40
C GLN A 321 -1.23 -15.56 -17.75
N GLU A 322 -1.17 -14.33 -18.28
CA GLU A 322 0.15 -13.75 -18.56
C GLU A 322 0.98 -13.66 -17.29
N LEU A 323 0.34 -13.52 -16.14
CA LEU A 323 1.03 -13.33 -14.88
C LEU A 323 1.62 -14.65 -14.38
N GLN A 324 1.79 -15.64 -15.27
CA GLN A 324 2.54 -16.85 -14.96
C GLN A 324 4.02 -16.71 -15.24
N LEU A 325 4.50 -15.49 -15.44
CA LEU A 325 5.90 -15.13 -15.23
C LEU A 325 6.24 -15.06 -13.75
N LYS A 326 5.23 -15.13 -12.88
CA LYS A 326 5.47 -15.33 -11.45
C LYS A 326 6.15 -16.67 -11.21
N VAL A 327 5.73 -17.70 -11.95
CA VAL A 327 6.43 -18.99 -11.92
C VAL A 327 7.55 -18.83 -12.95
N GLN A 328 8.48 -17.92 -12.66
CA GLN A 328 9.68 -17.73 -13.48
C GLN A 328 9.41 -17.62 -14.98
C10 A1H5G B . 11.79 -4.76 0.62
C13 A1H5G B . 11.03 -2.42 1.96
C15 A1H5G B . 10.04 -3.83 3.89
C17 A1H5G B . 9.31 -3.04 6.04
C20 A1H5G B . 8.17 -6.67 5.57
C24 A1H5G B . 3.86 -8.84 3.96
C26 A1H5G B . 2.59 -8.57 4.79
C02 A1H5G B . 13.62 -1.58 -2.11
C03 A1H5G B . 14.14 -0.81 -3.35
C04 A1H5G B . 14.97 0.43 -3.05
C05 A1H5G B . 13.54 0.58 -3.57
C07 A1H5G B . 12.74 -3.86 -1.21
C11 A1H5G B . 12.06 -3.53 0.04
C12 A1H5G B . 11.68 -2.35 0.72
C14 A1H5G B . 10.75 -3.67 2.54
C16 A1H5G B . 9.98 -2.81 4.84
C18 A1H5G B . 8.72 -4.27 6.31
C19 A1H5G B . 8.78 -5.28 5.35
C23 A1H5G B . 5.16 -8.52 4.71
C25 A1H5G B . 3.76 -8.18 2.55
C29 A1H5G B . 9.45 -5.06 4.15
C30 A1H5G B . 11.13 -4.84 1.87
N06 A1H5G B . 13.25 -2.99 -2.27
N08 A1H5G B . 12.81 -5.18 -1.30
N09 A1H5G B . 12.24 -5.72 -0.21
N21 A1H5G B . 6.79 -6.56 6.05
O01 A1H5G B . 13.52 -1.01 -1.07
O27 A1H5G B . 5.90 -6.09 3.65
O28 A1H5G B . 4.39 -5.96 5.43
S22 A1H5G B . 5.52 -6.72 4.92
C1 EDO C . 7.89 -7.25 17.07
O1 EDO C . 6.85 -6.97 16.12
C2 EDO C . 7.65 -8.61 17.72
O2 EDO C . 6.36 -8.63 18.35
C1 EDO D . 6.73 -5.90 9.07
O1 EDO D . 7.31 -5.02 10.04
C2 EDO D . 7.27 -7.31 9.26
O2 EDO D . 7.18 -7.63 10.66
C1 EDO E . -5.20 23.77 -2.17
O1 EDO E . -6.59 23.50 -2.41
C2 EDO E . -4.92 23.52 -0.70
O2 EDO E . -3.61 24.04 -0.41
CL CL F . -15.60 13.51 -9.14
#